data_3RA9
#
_entry.id   3RA9
#
_cell.length_a   257.940
_cell.length_b   257.940
_cell.length_c   448.690
_cell.angle_alpha   90.00
_cell.angle_beta   90.00
_cell.angle_gamma   120.00
#
_symmetry.space_group_name_H-M   'P 63 2 2'
#
loop_
_entity.id
_entity.type
_entity.pdbx_description
1 polymer 'Capsid protein'
2 polymer "DNA (5'-D(P*CP*A)-3')"
3 water water
#
loop_
_entity_poly.entity_id
_entity_poly.type
_entity_poly.pdbx_seq_one_letter_code
_entity_poly.pdbx_strand_id
1 'polypeptide(L)'
;DGVGSSSGNWHCDSTWLGDRVITTSTRTWALPTYNNHLYKQISNGTSGGATNDNTYFGYSTPWGYFDFNRFHCHFSPRDW
QRLINNNWGFRPKRLSFKLFNIQVKEVTQNEGTKTIANNLTSTIQVFTDSEYQLPYVLGSAHQGCLPPFPADVFMIPQYG
YLTLNNGSQAVGRSSFYCLEYFPSQMLRTGNNFQFTYTFEDVPFHSSYAHSQSLDRLMNPLIDQYLYYLSRTQTTGGTAN
TQTLGFSQGGPNTMANQAKNWLPGPCYRQQRVSTTTGQNNNSNFAWTAGTKYHLNGRNSLANPGIAMATHKDDEERFFPS
NGILIFGKQNAARDNADYSDVMLTSEEEIKTTNPVATEEYGIVADNLQQQNTAPQIGTVNSQGALPGMVWQNRDVYLQGP
IWAKIPHTDGNFHPSPLMGGFGLKHPPPQILIKNTPVPADPPTTFNQSKLNSFITQYSTGQVSVEIEWELQKENSKRWNP
EIQYTSNYYKSTSVDFAVNTEGVYSEPRPIGTRYLTRNL
;
A
2 'polydeoxyribonucleotide' (DC)(DA) D
#
loop_
_chem_comp.id
_chem_comp.type
_chem_comp.name
_chem_comp.formula
DA DNA linking 2'-DEOXYADENOSINE-5'-MONOPHOSPHATE 'C10 H14 N5 O6 P'
DC DNA linking 2'-DEOXYCYTIDINE-5'-MONOPHOSPHATE 'C9 H14 N3 O7 P'
#
# COMPACT_ATOMS: atom_id res chain seq x y z
N ASP A 1 2.01 -35.64 18.66
CA ASP A 1 2.97 -34.92 17.75
C ASP A 1 4.09 -35.82 17.20
N GLY A 2 3.82 -36.59 16.14
CA GLY A 2 4.85 -37.47 15.60
C GLY A 2 5.17 -37.30 14.12
N VAL A 3 6.01 -38.19 13.60
CA VAL A 3 6.40 -38.15 12.19
C VAL A 3 5.23 -38.49 11.27
N GLY A 4 4.42 -39.47 11.67
CA GLY A 4 3.29 -39.88 10.85
C GLY A 4 1.97 -39.20 11.12
N SER A 5 1.96 -38.06 11.80
CA SER A 5 0.71 -37.37 12.07
C SER A 5 0.66 -35.94 11.61
N SER A 6 -0.37 -35.65 10.83
CA SER A 6 -0.58 -34.30 10.35
C SER A 6 -0.65 -33.42 11.59
N SER A 7 -0.09 -32.22 11.52
CA SER A 7 -0.12 -31.31 12.66
C SER A 7 -1.00 -30.09 12.37
N GLY A 8 -1.91 -30.24 11.42
CA GLY A 8 -2.81 -29.16 11.08
C GLY A 8 -3.67 -29.49 9.87
N ASN A 9 -4.76 -28.75 9.69
CA ASN A 9 -5.63 -28.99 8.55
C ASN A 9 -5.70 -27.79 7.64
N TRP A 10 -6.24 -28.00 6.45
CA TRP A 10 -6.36 -26.94 5.47
C TRP A 10 -7.60 -26.10 5.74
N HIS A 11 -7.39 -24.92 6.31
CA HIS A 11 -8.49 -24.02 6.62
C HIS A 11 -8.45 -22.87 5.63
N CYS A 12 -9.45 -22.83 4.75
CA CYS A 12 -9.51 -21.78 3.75
C CYS A 12 -10.99 -21.58 3.54
N ASP A 13 -11.51 -20.42 3.91
CA ASP A 13 -12.94 -20.19 3.81
C ASP A 13 -13.26 -18.75 4.23
N SER A 14 -14.53 -18.38 4.11
CA SER A 14 -14.98 -17.05 4.50
C SER A 14 -16.40 -17.24 5.02
N THR A 15 -16.72 -16.55 6.11
CA THR A 15 -18.07 -16.67 6.65
C THR A 15 -18.54 -15.28 7.05
N TRP A 16 -19.74 -14.93 6.59
CA TRP A 16 -20.30 -13.61 6.86
C TRP A 16 -21.29 -13.66 8.02
N LEU A 17 -21.11 -12.75 8.97
CA LEU A 17 -21.96 -12.73 10.15
C LEU A 17 -22.67 -11.41 10.41
N GLY A 18 -23.28 -10.84 9.39
CA GLY A 18 -23.99 -9.59 9.59
C GLY A 18 -23.04 -8.41 9.68
N ASP A 19 -22.38 -8.24 10.84
CA ASP A 19 -21.47 -7.11 11.00
C ASP A 19 -19.99 -7.52 11.07
N ARG A 20 -19.73 -8.82 10.93
CA ARG A 20 -18.35 -9.30 10.93
C ARG A 20 -18.27 -10.17 9.70
N VAL A 21 -17.05 -10.41 9.24
CA VAL A 21 -16.78 -11.31 8.12
C VAL A 21 -15.44 -11.89 8.51
N ILE A 22 -15.35 -13.21 8.55
CA ILE A 22 -14.11 -13.85 8.93
C ILE A 22 -13.50 -14.55 7.73
N THR A 23 -12.25 -14.20 7.45
CA THR A 23 -11.55 -14.80 6.33
C THR A 23 -10.49 -15.76 6.83
N THR A 24 -10.32 -16.84 6.09
CA THR A 24 -9.36 -17.87 6.41
C THR A 24 -8.71 -18.34 5.12
N SER A 25 -7.38 -18.43 5.10
CA SER A 25 -6.70 -18.92 3.92
C SER A 25 -5.43 -19.66 4.28
N THR A 26 -5.18 -20.75 3.58
CA THR A 26 -4.01 -21.59 3.79
C THR A 26 -3.24 -21.67 2.49
N ARG A 27 -1.92 -21.74 2.58
CA ARG A 27 -1.07 -21.84 1.40
C ARG A 27 0.07 -22.78 1.71
N THR A 28 0.71 -23.30 0.67
CA THR A 28 1.85 -24.18 0.83
C THR A 28 3.08 -23.33 0.50
N TRP A 29 4.11 -23.42 1.32
CA TRP A 29 5.31 -22.63 1.10
C TRP A 29 6.59 -23.45 1.03
N ALA A 30 7.64 -22.81 0.54
CA ALA A 30 8.95 -23.43 0.42
C ALA A 30 9.96 -22.41 0.91
N LEU A 31 10.90 -22.86 1.73
CA LEU A 31 11.93 -22.00 2.28
C LEU A 31 13.30 -22.58 2.02
N PRO A 32 14.14 -21.86 1.26
CA PRO A 32 15.48 -22.33 0.94
C PRO A 32 16.42 -21.88 2.05
N THR A 33 17.71 -22.07 1.85
CA THR A 33 18.68 -21.61 2.79
C THR A 33 19.16 -20.31 2.21
N TYR A 34 19.06 -19.22 2.95
CA TYR A 34 19.47 -17.91 2.44
C TYR A 34 20.90 -17.50 2.90
N ASN A 35 21.65 -16.87 2.03
CA ASN A 35 23.01 -16.37 2.35
C ASN A 35 23.93 -17.41 2.86
N ASN A 36 23.69 -18.67 2.57
CA ASN A 36 24.64 -19.65 3.06
C ASN A 36 24.78 -19.62 4.57
N HIS A 37 23.69 -19.29 5.27
CA HIS A 37 23.67 -19.24 6.73
C HIS A 37 24.50 -18.07 7.23
N LEU A 38 24.66 -17.04 6.41
CA LEU A 38 25.48 -15.92 6.84
C LEU A 38 24.79 -14.58 6.82
N TYR A 39 25.28 -13.67 7.66
CA TYR A 39 24.75 -12.32 7.70
C TYR A 39 25.80 -11.60 6.86
N LYS A 40 25.36 -10.84 5.86
CA LYS A 40 26.31 -10.11 5.03
C LYS A 40 26.01 -8.63 5.00
N GLN A 41 27.07 -7.83 5.11
CA GLN A 41 26.92 -6.39 5.07
C GLN A 41 26.75 -6.02 3.61
N ILE A 42 25.66 -5.31 3.30
CA ILE A 42 25.41 -4.88 1.94
C ILE A 42 25.44 -3.36 1.92
N SER A 43 25.90 -2.80 0.81
CA SER A 43 26.03 -1.37 0.69
C SER A 43 25.96 -0.91 -0.76
N ASN A 44 25.62 0.36 -0.96
CA ASN A 44 25.56 0.91 -2.31
C ASN A 44 26.03 2.35 -2.25
N GLY A 45 27.20 2.59 -2.83
CA GLY A 45 27.78 3.92 -2.81
C GLY A 45 27.49 4.82 -3.99
N THR A 46 28.38 5.79 -4.15
CA THR A 46 28.24 6.76 -5.21
C THR A 46 29.12 6.47 -6.44
N SER A 47 29.94 5.42 -6.33
CA SER A 47 30.82 5.02 -7.44
C SER A 47 29.99 4.54 -8.63
N GLY A 48 30.68 4.22 -9.72
CA GLY A 48 29.99 3.80 -10.92
C GLY A 48 28.98 4.87 -11.35
N GLY A 49 27.85 4.42 -11.90
CA GLY A 49 26.81 5.35 -12.31
C GLY A 49 25.80 5.58 -11.19
N ALA A 50 26.06 5.02 -10.01
CA ALA A 50 25.17 5.15 -8.86
C ALA A 50 25.01 6.60 -8.36
N THR A 51 23.76 7.06 -8.35
CA THR A 51 23.42 8.41 -7.90
C THR A 51 23.33 8.46 -6.36
N ASN A 52 23.48 9.65 -5.78
CA ASN A 52 23.41 9.78 -4.33
C ASN A 52 22.02 9.45 -3.79
N ASP A 53 20.99 9.80 -4.55
CA ASP A 53 19.62 9.54 -4.14
C ASP A 53 19.33 8.07 -3.87
N ASN A 54 20.26 7.17 -4.22
CA ASN A 54 20.07 5.75 -4.02
C ASN A 54 21.09 5.04 -3.15
N THR A 55 21.82 5.79 -2.33
CA THR A 55 22.82 5.17 -1.47
C THR A 55 22.15 4.42 -0.31
N TYR A 56 22.88 3.50 0.33
CA TYR A 56 22.33 2.76 1.45
C TYR A 56 23.36 1.84 2.12
N PHE A 57 23.11 1.53 3.38
CA PHE A 57 23.98 0.63 4.14
C PHE A 57 23.07 -0.25 4.96
N GLY A 58 23.30 -1.56 4.92
CA GLY A 58 22.46 -2.45 5.69
C GLY A 58 22.99 -3.87 5.73
N TYR A 59 22.14 -4.82 6.09
CA TYR A 59 22.56 -6.20 6.15
C TYR A 59 21.52 -7.14 5.59
N SER A 60 21.99 -8.24 5.03
CA SER A 60 21.08 -9.26 4.51
C SER A 60 21.28 -10.42 5.49
N THR A 61 20.18 -11.05 5.90
CA THR A 61 20.25 -12.14 6.87
C THR A 61 19.90 -13.49 6.28
N PRO A 62 20.15 -14.57 7.04
CA PRO A 62 19.87 -15.94 6.61
C PRO A 62 18.40 -16.30 6.84
N TRP A 63 17.63 -15.37 7.38
CA TRP A 63 16.22 -15.59 7.70
C TRP A 63 15.23 -15.22 6.61
N GLY A 64 14.06 -15.85 6.68
CA GLY A 64 12.98 -15.57 5.75
C GLY A 64 11.85 -14.96 6.57
N TYR A 65 10.75 -14.57 5.93
CA TYR A 65 9.67 -13.97 6.71
C TYR A 65 8.31 -14.14 6.06
N PHE A 66 7.27 -14.25 6.87
CA PHE A 66 5.92 -14.39 6.35
C PHE A 66 5.27 -13.02 6.19
N ASP A 67 4.55 -12.85 5.09
CA ASP A 67 3.89 -11.60 4.78
C ASP A 67 2.53 -11.86 4.14
N PHE A 68 1.48 -11.25 4.69
CA PHE A 68 0.14 -11.41 4.12
C PHE A 68 -0.56 -10.06 4.12
N ASN A 69 0.24 -9.02 3.98
CA ASN A 69 -0.20 -7.66 3.88
C ASN A 69 -0.54 -7.27 2.44
N ARG A 70 -1.64 -7.82 1.98
CA ARG A 70 -2.22 -7.59 0.66
C ARG A 70 -3.64 -8.15 0.82
N PHE A 71 -4.65 -7.35 0.53
CA PHE A 71 -6.02 -7.82 0.70
C PHE A 71 -6.35 -9.14 0.01
N HIS A 72 -5.83 -9.40 -1.18
CA HIS A 72 -6.18 -10.66 -1.85
C HIS A 72 -5.57 -11.89 -1.22
N CYS A 73 -4.97 -11.73 -0.04
CA CYS A 73 -4.39 -12.86 0.67
C CYS A 73 -5.53 -13.42 1.51
N HIS A 74 -6.57 -12.61 1.67
CA HIS A 74 -7.70 -12.97 2.50
C HIS A 74 -9.04 -13.01 1.77
N PHE A 75 -9.30 -12.03 0.92
CA PHE A 75 -10.58 -11.99 0.21
C PHE A 75 -10.52 -12.56 -1.20
N SER A 76 -11.46 -13.43 -1.52
CA SER A 76 -11.51 -13.99 -2.87
C SER A 76 -12.19 -12.89 -3.67
N PRO A 77 -12.08 -12.92 -5.00
CA PRO A 77 -12.72 -11.87 -5.80
C PRO A 77 -14.19 -11.68 -5.42
N ARG A 78 -14.97 -12.76 -5.44
CA ARG A 78 -16.39 -12.68 -5.11
C ARG A 78 -16.61 -12.09 -3.72
N ASP A 79 -15.76 -12.48 -2.76
CA ASP A 79 -15.88 -11.96 -1.40
C ASP A 79 -15.63 -10.47 -1.36
N TRP A 80 -14.61 -10.03 -2.08
CA TRP A 80 -14.29 -8.61 -2.14
C TRP A 80 -15.50 -7.87 -2.69
N GLN A 81 -16.20 -8.50 -3.63
CA GLN A 81 -17.39 -7.89 -4.23
C GLN A 81 -18.49 -7.77 -3.20
N ARG A 82 -18.70 -8.83 -2.42
CA ARG A 82 -19.72 -8.81 -1.37
C ARG A 82 -19.42 -7.64 -0.45
N LEU A 83 -18.15 -7.51 -0.08
CA LEU A 83 -17.73 -6.44 0.79
C LEU A 83 -18.04 -5.06 0.24
N ILE A 84 -17.44 -4.71 -0.90
CA ILE A 84 -17.59 -3.38 -1.51
C ILE A 84 -18.96 -2.93 -2.03
N ASN A 85 -19.82 -3.86 -2.42
CA ASN A 85 -21.13 -3.49 -2.93
C ASN A 85 -22.18 -3.28 -1.83
N ASN A 86 -21.83 -3.61 -0.59
CA ASN A 86 -22.81 -3.51 0.48
C ASN A 86 -22.43 -2.84 1.79
N ASN A 87 -21.20 -2.38 1.93
CA ASN A 87 -20.82 -1.76 3.18
C ASN A 87 -20.18 -0.39 3.03
N TRP A 88 -20.43 0.49 3.99
CA TRP A 88 -19.88 1.83 3.97
C TRP A 88 -18.48 1.87 4.57
N GLY A 89 -18.04 0.74 5.11
CA GLY A 89 -16.72 0.70 5.70
C GLY A 89 -16.41 -0.61 6.36
N PHE A 90 -15.13 -0.85 6.63
CA PHE A 90 -14.70 -2.08 7.26
C PHE A 90 -13.31 -1.87 7.86
N ARG A 91 -12.86 -2.82 8.68
CA ARG A 91 -11.55 -2.73 9.31
C ARG A 91 -11.20 -4.02 10.03
N PRO A 92 -9.91 -4.30 10.22
CA PRO A 92 -9.47 -5.52 10.90
C PRO A 92 -9.63 -5.47 12.42
N LYS A 93 -10.00 -6.60 13.02
CA LYS A 93 -10.19 -6.69 14.47
C LYS A 93 -9.16 -7.58 15.17
N ARG A 94 -8.98 -8.80 14.67
CA ARG A 94 -8.01 -9.71 15.27
C ARG A 94 -7.57 -10.77 14.27
N LEU A 95 -6.50 -11.50 14.57
CA LEU A 95 -6.03 -12.54 13.66
C LEU A 95 -5.36 -13.73 14.34
N SER A 96 -5.32 -14.84 13.61
CA SER A 96 -4.68 -16.07 14.08
C SER A 96 -3.74 -16.52 13.00
N PHE A 97 -2.56 -16.96 13.40
CA PHE A 97 -1.56 -17.42 12.46
C PHE A 97 -1.14 -18.83 12.85
N LYS A 98 -0.87 -19.68 11.87
CA LYS A 98 -0.47 -21.04 12.18
C LYS A 98 0.49 -21.64 11.14
N LEU A 99 1.54 -22.32 11.63
CA LEU A 99 2.52 -22.99 10.79
C LEU A 99 2.42 -24.47 11.11
N PHE A 100 2.35 -25.32 10.10
CA PHE A 100 2.22 -26.76 10.38
C PHE A 100 2.60 -27.65 9.21
N ASN A 101 2.50 -28.95 9.43
CA ASN A 101 2.85 -29.94 8.42
C ASN A 101 4.20 -29.62 7.82
N ILE A 102 5.14 -29.33 8.71
CA ILE A 102 6.49 -28.98 8.33
C ILE A 102 7.30 -30.20 7.90
N GLN A 103 7.99 -30.06 6.77
CA GLN A 103 8.84 -31.12 6.23
C GLN A 103 10.18 -30.51 5.85
N VAL A 104 11.25 -30.98 6.47
CA VAL A 104 12.59 -30.49 6.16
C VAL A 104 13.27 -31.56 5.35
N LYS A 105 13.69 -31.20 4.14
CA LYS A 105 14.32 -32.15 3.23
C LYS A 105 15.76 -31.78 2.93
N GLU A 106 16.56 -32.78 2.60
CA GLU A 106 17.95 -32.53 2.25
C GLU A 106 18.23 -33.08 0.85
N VAL A 107 18.91 -32.29 0.03
CA VAL A 107 19.21 -32.70 -1.32
C VAL A 107 20.68 -33.09 -1.54
N THR A 108 20.88 -34.26 -2.12
CA THR A 108 22.20 -34.80 -2.42
C THR A 108 22.53 -34.61 -3.91
N GLN A 109 23.72 -34.09 -4.17
CA GLN A 109 24.17 -33.82 -5.53
C GLN A 109 25.45 -34.58 -5.92
N ASN A 110 25.29 -35.65 -6.70
CA ASN A 110 26.44 -36.47 -7.11
C ASN A 110 26.38 -36.76 -8.63
N GLU A 111 27.41 -36.34 -9.38
CA GLU A 111 27.49 -36.57 -10.85
C GLU A 111 26.17 -36.28 -11.58
N GLY A 112 25.74 -35.02 -11.52
CA GLY A 112 24.51 -34.60 -12.19
C GLY A 112 23.21 -35.25 -11.69
N THR A 113 23.31 -36.44 -11.09
CA THR A 113 22.12 -37.12 -10.55
C THR A 113 21.78 -36.53 -9.15
N LYS A 114 20.61 -35.88 -9.07
CA LYS A 114 20.14 -35.26 -7.84
C LYS A 114 19.08 -36.12 -7.15
N THR A 115 19.06 -36.09 -5.82
CA THR A 115 18.08 -36.86 -5.07
C THR A 115 17.70 -36.09 -3.80
N ILE A 116 16.40 -35.94 -3.58
CA ILE A 116 15.88 -35.23 -2.43
C ILE A 116 15.22 -36.21 -1.47
N ALA A 117 15.61 -36.14 -0.20
CA ALA A 117 15.05 -37.03 0.81
C ALA A 117 14.76 -36.31 2.13
N ASN A 118 13.91 -36.90 2.95
CA ASN A 118 13.58 -36.31 4.24
C ASN A 118 14.75 -36.37 5.21
N ASN A 119 14.82 -35.38 6.08
CA ASN A 119 15.85 -35.32 7.13
C ASN A 119 14.99 -35.17 8.37
N LEU A 120 14.38 -36.26 8.79
CA LEU A 120 13.47 -36.26 9.93
C LEU A 120 13.88 -35.51 11.18
N THR A 121 15.17 -35.51 11.51
CA THR A 121 15.65 -34.85 12.71
C THR A 121 16.05 -33.36 12.60
N SER A 122 15.88 -32.76 11.43
CA SER A 122 16.22 -31.34 11.24
C SER A 122 15.14 -30.45 11.80
N THR A 123 15.48 -29.19 12.05
CA THR A 123 14.52 -28.24 12.60
C THR A 123 14.53 -26.90 11.86
N ILE A 124 13.40 -26.20 11.93
CA ILE A 124 13.29 -24.86 11.36
C ILE A 124 13.09 -24.03 12.61
N GLN A 125 13.29 -22.72 12.54
CA GLN A 125 13.10 -21.89 13.71
C GLN A 125 12.11 -20.79 13.39
N VAL A 126 11.26 -20.44 14.35
CA VAL A 126 10.27 -19.40 14.12
C VAL A 126 10.11 -18.52 15.33
N PHE A 127 9.87 -17.24 15.10
CA PHE A 127 9.65 -16.31 16.18
C PHE A 127 8.99 -15.04 15.67
N THR A 128 8.24 -14.37 16.55
CA THR A 128 7.56 -13.14 16.18
C THR A 128 8.22 -11.98 16.89
N ASP A 129 8.50 -10.90 16.15
CA ASP A 129 9.10 -9.71 16.71
C ASP A 129 7.99 -8.94 17.42
N SER A 130 7.42 -9.56 18.44
CA SER A 130 6.32 -8.99 19.19
C SER A 130 6.65 -7.71 19.96
N GLU A 131 7.92 -7.38 20.10
CA GLU A 131 8.28 -6.16 20.81
C GLU A 131 8.82 -5.11 19.87
N TYR A 132 8.64 -5.35 18.57
CA TYR A 132 9.11 -4.43 17.54
C TYR A 132 10.53 -3.95 17.78
N GLN A 133 11.43 -4.91 17.87
CA GLN A 133 12.83 -4.61 18.13
C GLN A 133 13.68 -4.74 16.87
N LEU A 134 13.11 -5.28 15.81
CA LEU A 134 13.81 -5.41 14.54
C LEU A 134 13.23 -4.40 13.56
N PRO A 135 14.04 -3.97 12.58
CA PRO A 135 13.54 -3.01 11.60
C PRO A 135 12.33 -3.65 10.92
N TYR A 136 11.22 -2.87 10.97
CA TYR A 136 9.94 -3.32 10.41
C TYR A 136 9.92 -3.21 8.90
N VAL A 137 10.26 -4.31 8.25
CA VAL A 137 10.35 -4.37 6.80
C VAL A 137 9.00 -4.50 6.07
N LEU A 138 7.98 -5.01 6.75
CA LEU A 138 6.67 -5.10 6.14
C LEU A 138 6.14 -3.70 5.87
N GLY A 139 5.08 -3.61 5.08
CA GLY A 139 4.51 -2.30 4.81
C GLY A 139 5.26 -1.44 3.80
N SER A 140 6.07 -2.05 2.93
CA SER A 140 6.76 -1.31 1.87
C SER A 140 6.42 -1.92 0.52
N ALA A 141 5.22 -2.49 0.41
CA ALA A 141 4.74 -3.09 -0.82
C ALA A 141 5.71 -4.07 -1.50
N HIS A 142 6.35 -4.93 -0.73
CA HIS A 142 7.28 -5.90 -1.30
C HIS A 142 6.58 -7.16 -1.79
N GLN A 143 7.23 -7.88 -2.70
CA GLN A 143 6.65 -9.12 -3.22
C GLN A 143 6.86 -10.18 -2.15
N GLY A 144 6.32 -11.37 -2.40
CA GLY A 144 6.48 -12.45 -1.45
C GLY A 144 5.35 -12.69 -0.46
N CYS A 145 4.17 -12.14 -0.71
CA CYS A 145 3.05 -12.35 0.18
C CYS A 145 2.38 -13.68 -0.19
N LEU A 146 1.37 -14.11 0.57
CA LEU A 146 0.71 -15.34 0.20
C LEU A 146 0.03 -15.03 -1.13
N PRO A 147 0.04 -15.98 -2.07
CA PRO A 147 -0.56 -15.83 -3.40
C PRO A 147 -2.07 -15.62 -3.34
N PRO A 148 -2.64 -14.96 -4.34
CA PRO A 148 -4.10 -14.72 -4.36
C PRO A 148 -4.82 -16.04 -4.56
N PHE A 149 -4.32 -16.83 -5.51
CA PHE A 149 -4.92 -18.13 -5.80
C PHE A 149 -4.45 -19.15 -4.77
N PRO A 150 -5.40 -19.76 -4.03
CA PRO A 150 -5.11 -20.75 -3.00
C PRO A 150 -4.30 -21.97 -3.43
N ALA A 151 -4.35 -22.32 -4.71
CA ALA A 151 -3.62 -23.49 -5.17
C ALA A 151 -2.15 -23.23 -5.47
N ASP A 152 -1.77 -21.95 -5.59
CA ASP A 152 -0.39 -21.57 -5.89
C ASP A 152 0.57 -21.79 -4.74
N VAL A 153 1.69 -22.47 -5.01
CA VAL A 153 2.70 -22.70 -3.99
C VAL A 153 3.68 -21.54 -4.11
N PHE A 154 4.07 -20.94 -2.98
CA PHE A 154 4.98 -19.80 -3.03
C PHE A 154 6.26 -19.95 -2.22
N MET A 155 7.23 -19.10 -2.57
CA MET A 155 8.54 -19.08 -1.96
C MET A 155 8.57 -17.97 -0.91
N ILE A 156 9.20 -18.24 0.23
CA ILE A 156 9.28 -17.24 1.30
C ILE A 156 10.41 -16.25 1.07
N PRO A 157 10.11 -14.95 1.16
CA PRO A 157 11.04 -13.83 0.98
C PRO A 157 12.19 -13.83 1.98
N GLN A 158 13.34 -13.32 1.56
CA GLN A 158 14.48 -13.25 2.46
C GLN A 158 14.43 -11.91 3.20
N TYR A 159 14.78 -11.94 4.48
CA TYR A 159 14.77 -10.75 5.31
C TYR A 159 16.10 -9.99 5.28
N GLY A 160 16.02 -8.68 5.15
CA GLY A 160 17.20 -7.84 5.13
C GLY A 160 16.74 -6.48 5.61
N TYR A 161 17.64 -5.65 6.11
CA TYR A 161 17.22 -4.34 6.61
C TYR A 161 18.25 -3.24 6.36
N LEU A 162 17.83 -1.99 6.56
CA LEU A 162 18.71 -0.84 6.36
C LEU A 162 18.90 0.03 7.60
N THR A 163 20.03 0.73 7.68
CA THR A 163 20.35 1.65 8.79
C THR A 163 21.03 2.89 8.22
N LEU A 164 21.38 3.81 9.05
CA LEU A 164 22.00 5.04 8.60
C LEU A 164 23.25 4.81 7.74
N ASN A 165 23.43 5.69 6.75
CA ASN A 165 24.57 5.59 5.87
C ASN A 165 24.99 6.96 5.35
N ASN A 166 26.26 7.06 5.00
CA ASN A 166 26.86 8.27 4.44
C ASN A 166 27.56 7.73 3.19
N GLY A 167 26.89 7.81 2.05
CA GLY A 167 27.47 7.27 0.86
C GLY A 167 27.38 5.77 1.09
N SER A 168 28.44 5.04 0.80
CA SER A 168 28.42 3.59 0.99
C SER A 168 28.95 3.20 2.37
N GLN A 169 29.16 4.19 3.23
CA GLN A 169 29.69 3.88 4.55
C GLN A 169 28.65 3.95 5.64
N ALA A 170 28.94 3.30 6.76
CA ALA A 170 28.07 3.31 7.92
C ALA A 170 28.51 4.51 8.74
N VAL A 171 27.72 4.88 9.73
CA VAL A 171 28.08 5.99 10.60
C VAL A 171 28.01 5.50 12.05
N GLY A 172 28.30 6.39 13.00
CA GLY A 172 28.28 5.98 14.39
C GLY A 172 27.00 5.31 14.85
N ARG A 173 25.86 5.92 14.50
CA ARG A 173 24.56 5.40 14.90
C ARG A 173 24.08 4.16 14.17
N SER A 174 24.78 3.74 13.13
CA SER A 174 24.36 2.55 12.40
C SER A 174 24.23 1.37 13.36
N SER A 175 23.14 0.62 13.22
CA SER A 175 22.87 -0.54 14.08
C SER A 175 22.99 -1.85 13.35
N PHE A 176 23.38 -2.89 14.08
CA PHE A 176 23.50 -4.22 13.52
C PHE A 176 22.65 -5.16 14.35
N TYR A 177 21.77 -5.91 13.70
CA TYR A 177 20.93 -6.85 14.42
C TYR A 177 21.19 -8.29 14.02
N CYS A 178 21.22 -9.15 15.03
CA CYS A 178 21.42 -10.57 14.83
C CYS A 178 20.14 -11.25 15.28
N LEU A 179 19.46 -11.93 14.37
CA LEU A 179 18.21 -12.59 14.73
C LEU A 179 18.37 -13.80 15.63
N GLU A 180 19.58 -14.34 15.76
CA GLU A 180 19.80 -15.49 16.64
C GLU A 180 19.87 -15.00 18.10
N TYR A 181 19.82 -13.70 18.28
CA TYR A 181 19.85 -13.14 19.65
C TYR A 181 18.46 -12.92 20.21
N PHE A 182 17.51 -13.64 19.65
CA PHE A 182 16.09 -13.59 20.01
C PHE A 182 15.63 -14.97 20.35
N PRO A 183 14.78 -15.13 21.37
CA PRO A 183 14.36 -16.51 21.64
C PRO A 183 13.50 -16.94 20.46
N SER A 184 13.73 -18.14 19.95
CA SER A 184 12.93 -18.62 18.83
C SER A 184 12.56 -20.08 19.06
N GLN A 185 11.41 -20.46 18.51
CA GLN A 185 10.90 -21.80 18.66
C GLN A 185 11.48 -22.72 17.59
N MET A 186 11.89 -23.91 18.00
CA MET A 186 12.46 -24.88 17.08
C MET A 186 11.48 -26.02 16.86
N LEU A 187 11.15 -26.31 15.61
CA LEU A 187 10.23 -27.39 15.33
C LEU A 187 10.79 -28.42 14.37
N ARG A 188 10.44 -29.68 14.60
CA ARG A 188 10.82 -30.79 13.74
C ARG A 188 9.50 -31.15 13.08
N THR A 189 9.54 -31.98 12.04
CA THR A 189 8.30 -32.36 11.38
C THR A 189 7.42 -32.87 12.51
N GLY A 190 6.13 -32.55 12.52
CA GLY A 190 5.34 -33.05 13.63
C GLY A 190 5.12 -32.04 14.74
N ASN A 191 5.78 -30.90 14.64
CA ASN A 191 5.63 -29.81 15.59
C ASN A 191 4.92 -28.71 14.82
N ASN A 192 4.26 -27.79 15.50
CA ASN A 192 3.60 -26.68 14.82
C ASN A 192 3.77 -25.41 15.62
N PHE A 193 3.46 -24.28 15.01
CA PHE A 193 3.61 -22.99 15.66
C PHE A 193 2.35 -22.18 15.45
N GLN A 194 2.05 -21.27 16.35
CA GLN A 194 0.86 -20.44 16.22
C GLN A 194 0.79 -19.32 17.23
N PHE A 195 0.06 -18.27 16.87
CA PHE A 195 -0.11 -17.14 17.75
C PHE A 195 -1.33 -16.32 17.39
N THR A 196 -1.69 -15.40 18.30
CA THR A 196 -2.85 -14.54 18.15
C THR A 196 -2.48 -13.08 18.26
N TYR A 197 -3.22 -12.24 17.55
CA TYR A 197 -2.98 -10.81 17.57
C TYR A 197 -4.31 -10.08 17.53
N THR A 198 -4.34 -8.90 18.15
CA THR A 198 -5.56 -8.09 18.16
C THR A 198 -5.20 -6.73 17.60
N PHE A 199 -5.95 -6.27 16.61
CA PHE A 199 -5.67 -4.98 16.01
C PHE A 199 -6.09 -3.87 16.96
N GLU A 200 -5.31 -2.80 16.98
CA GLU A 200 -5.65 -1.67 17.84
C GLU A 200 -6.84 -0.98 17.18
N ASP A 201 -7.44 -0.05 17.88
CA ASP A 201 -8.57 0.66 17.33
C ASP A 201 -8.11 1.52 16.18
N VAL A 202 -8.78 1.38 15.05
CA VAL A 202 -8.42 2.14 13.88
C VAL A 202 -9.74 2.55 13.25
N PRO A 203 -9.75 3.62 12.46
CA PRO A 203 -11.00 4.04 11.83
C PRO A 203 -11.41 3.14 10.67
N PHE A 204 -12.72 3.01 10.46
CA PHE A 204 -13.19 2.21 9.34
C PHE A 204 -12.66 2.83 8.06
N HIS A 205 -12.43 1.99 7.06
CA HIS A 205 -11.99 2.51 5.78
C HIS A 205 -13.24 2.98 5.05
N SER A 206 -13.16 4.14 4.43
CA SER A 206 -14.29 4.68 3.71
C SER A 206 -14.57 3.97 2.39
N SER A 207 -15.40 2.93 2.44
CA SER A 207 -15.82 2.22 1.27
C SER A 207 -17.02 2.88 0.68
N TYR A 208 -16.92 4.14 0.42
CA TYR A 208 -18.04 4.86 -0.17
C TYR A 208 -17.45 6.03 -0.90
N ALA A 209 -18.26 6.63 -1.76
CA ALA A 209 -17.84 7.81 -2.49
C ALA A 209 -18.88 8.87 -2.18
N HIS A 210 -18.44 10.10 -2.00
CA HIS A 210 -19.37 11.18 -1.69
C HIS A 210 -20.30 11.47 -2.87
N SER A 211 -21.57 11.75 -2.57
CA SER A 211 -22.55 12.07 -3.61
C SER A 211 -22.92 13.55 -3.56
N GLN A 212 -22.02 14.35 -2.99
CA GLN A 212 -22.18 15.78 -2.86
C GLN A 212 -20.78 16.34 -2.89
N SER A 213 -20.59 17.55 -3.40
CA SER A 213 -19.25 18.13 -3.41
C SER A 213 -19.20 19.26 -2.40
N LEU A 214 -18.02 19.44 -1.80
CA LEU A 214 -17.81 20.46 -0.79
C LEU A 214 -18.32 21.86 -1.17
N ASP A 215 -18.22 22.22 -2.45
CA ASP A 215 -18.65 23.53 -2.89
C ASP A 215 -20.12 23.60 -3.31
N ARG A 216 -20.87 22.54 -3.03
CA ARG A 216 -22.29 22.50 -3.39
C ARG A 216 -23.14 21.92 -2.26
N LEU A 217 -22.97 22.45 -1.05
CA LEU A 217 -23.72 21.95 0.09
C LEU A 217 -24.95 22.78 0.44
N MET A 218 -25.10 23.95 -0.18
CA MET A 218 -26.25 24.81 0.12
C MET A 218 -27.55 24.46 -0.55
N ASN A 219 -28.57 25.24 -0.20
CA ASN A 219 -29.92 25.09 -0.72
C ASN A 219 -29.97 25.85 -2.04
N PRO A 220 -30.24 25.15 -3.15
CA PRO A 220 -30.31 25.73 -4.48
C PRO A 220 -31.46 26.72 -4.68
N LEU A 221 -32.34 26.83 -3.69
CA LEU A 221 -33.49 27.70 -3.84
C LEU A 221 -33.53 28.97 -2.99
N ILE A 222 -32.60 29.10 -2.05
CA ILE A 222 -32.62 30.26 -1.15
C ILE A 222 -31.36 31.11 -1.17
N ASP A 223 -31.51 32.42 -1.03
CA ASP A 223 -30.36 33.34 -0.99
C ASP A 223 -29.75 33.29 0.39
N GLN A 224 -28.54 33.81 0.52
CA GLN A 224 -27.88 33.86 1.82
C GLN A 224 -28.28 35.21 2.41
N TYR A 225 -28.02 35.41 3.69
CA TYR A 225 -28.34 36.72 4.29
C TYR A 225 -27.05 37.51 4.34
N LEU A 226 -25.95 36.81 4.05
CA LEU A 226 -24.62 37.40 4.02
C LEU A 226 -24.33 38.04 2.66
N TYR A 227 -23.46 39.04 2.65
CA TYR A 227 -23.09 39.73 1.42
C TYR A 227 -21.62 39.49 1.12
N TYR A 228 -21.19 39.92 -0.07
CA TYR A 228 -19.80 39.81 -0.49
C TYR A 228 -19.51 40.97 -1.43
N LEU A 229 -18.25 41.36 -1.56
CA LEU A 229 -17.89 42.46 -2.45
C LEU A 229 -18.14 41.98 -3.87
N SER A 230 -19.09 42.59 -4.58
CA SER A 230 -19.40 42.16 -5.94
C SER A 230 -18.97 43.16 -7.03
N ARG A 231 -18.70 44.40 -6.64
CA ARG A 231 -18.30 45.41 -7.61
C ARG A 231 -17.29 46.41 -7.03
N THR A 232 -16.24 46.68 -7.80
CA THR A 232 -15.19 47.60 -7.38
C THR A 232 -15.15 48.85 -8.25
N GLN A 233 -15.89 48.84 -9.35
CA GLN A 233 -15.90 49.95 -10.29
C GLN A 233 -17.26 50.16 -10.94
N THR A 234 -17.59 51.41 -11.25
CA THR A 234 -18.86 51.73 -11.89
C THR A 234 -18.93 51.08 -13.25
N THR A 235 -20.12 51.11 -13.85
CA THR A 235 -20.31 50.45 -15.13
C THR A 235 -20.91 51.29 -16.26
N GLY A 236 -21.78 52.23 -15.90
CA GLY A 236 -22.47 53.09 -16.86
C GLY A 236 -21.84 53.78 -18.08
N GLY A 237 -20.95 53.13 -18.83
CA GLY A 237 -20.39 53.80 -20.01
C GLY A 237 -18.88 53.91 -20.01
N THR A 238 -18.35 55.14 -20.04
CA THR A 238 -16.88 55.34 -20.05
C THR A 238 -16.33 56.05 -18.80
N ALA A 239 -17.19 56.87 -18.14
CA ALA A 239 -16.79 57.57 -16.92
C ALA A 239 -16.75 56.52 -15.78
N ASN A 240 -15.90 55.50 -15.92
CA ASN A 240 -15.83 54.44 -14.92
C ASN A 240 -14.79 54.71 -13.86
N THR A 241 -15.26 54.87 -12.62
CA THR A 241 -14.38 55.13 -11.49
C THR A 241 -14.68 54.09 -10.43
N GLN A 242 -13.83 54.05 -9.39
CA GLN A 242 -14.03 53.08 -8.33
C GLN A 242 -15.28 53.37 -7.54
N THR A 243 -15.77 52.31 -6.93
CA THR A 243 -16.97 52.32 -6.11
C THR A 243 -16.89 51.04 -5.29
N LEU A 244 -17.96 50.76 -4.56
CA LEU A 244 -18.04 49.57 -3.72
C LEU A 244 -19.48 49.07 -3.79
N GLY A 245 -19.67 47.89 -4.37
CA GLY A 245 -20.99 47.32 -4.49
C GLY A 245 -21.04 45.94 -3.85
N PHE A 246 -22.08 45.67 -3.06
CA PHE A 246 -22.22 44.38 -2.37
C PHE A 246 -23.47 43.61 -2.75
N SER A 247 -23.35 42.29 -2.87
CA SER A 247 -24.49 41.46 -3.23
C SER A 247 -24.65 40.24 -2.35
N GLN A 248 -25.81 39.60 -2.44
CA GLN A 248 -26.09 38.40 -1.66
C GLN A 248 -25.93 37.15 -2.53
N GLY A 249 -25.14 36.20 -2.06
CA GLY A 249 -24.94 34.97 -2.80
C GLY A 249 -26.25 34.26 -3.00
N GLY A 250 -26.45 33.65 -4.16
CA GLY A 250 -27.69 32.95 -4.41
C GLY A 250 -27.53 31.78 -5.35
N PRO A 251 -28.63 31.15 -5.78
CA PRO A 251 -28.55 30.01 -6.70
C PRO A 251 -27.65 30.16 -7.92
N ASN A 252 -27.60 31.35 -8.49
CA ASN A 252 -26.77 31.55 -9.68
C ASN A 252 -25.36 32.01 -9.38
N THR A 253 -25.10 32.31 -8.13
CA THR A 253 -23.78 32.77 -7.74
C THR A 253 -23.18 31.86 -6.67
N MET A 254 -23.38 30.56 -6.81
CA MET A 254 -22.89 29.60 -5.83
C MET A 254 -21.37 29.67 -5.60
N ALA A 255 -20.62 30.05 -6.63
CA ALA A 255 -19.18 30.14 -6.50
C ALA A 255 -18.75 31.33 -5.65
N ASN A 256 -19.68 32.23 -5.38
CA ASN A 256 -19.40 33.43 -4.58
C ASN A 256 -19.88 33.30 -3.14
N GLN A 257 -20.84 32.41 -2.92
CA GLN A 257 -21.41 32.20 -1.59
C GLN A 257 -20.41 31.95 -0.49
N ALA A 258 -20.74 32.43 0.70
CA ALA A 258 -19.90 32.22 1.86
C ALA A 258 -20.05 30.75 2.21
N LYS A 259 -18.96 30.10 2.59
CA LYS A 259 -18.99 28.68 2.93
C LYS A 259 -18.22 28.41 4.24
N ASN A 260 -18.42 27.22 4.81
CA ASN A 260 -17.77 26.87 6.07
C ASN A 260 -16.50 26.03 6.02
N TRP A 261 -16.22 25.42 4.87
CA TRP A 261 -15.04 24.56 4.76
C TRP A 261 -14.13 24.78 3.53
N LEU A 262 -12.99 24.10 3.56
CA LEU A 262 -11.98 24.17 2.50
C LEU A 262 -11.57 22.77 2.03
N PRO A 263 -11.12 22.66 0.76
CA PRO A 263 -10.72 21.36 0.24
C PRO A 263 -9.45 20.90 0.95
N GLY A 264 -9.16 19.60 0.90
CA GLY A 264 -7.98 19.06 1.55
C GLY A 264 -6.64 19.57 1.07
N PRO A 265 -5.55 19.26 1.79
CA PRO A 265 -4.19 19.69 1.45
C PRO A 265 -3.77 19.32 0.02
N CYS A 266 -2.72 20.00 -0.47
CA CYS A 266 -2.26 19.78 -1.84
C CYS A 266 -0.74 19.85 -2.08
N TYR A 267 -0.22 18.90 -2.87
CA TYR A 267 1.21 18.85 -3.23
C TYR A 267 1.22 18.44 -4.70
N ARG A 268 0.99 19.43 -5.58
CA ARG A 268 0.90 19.26 -7.04
C ARG A 268 1.91 18.38 -7.79
N GLN A 269 1.37 17.52 -8.64
CA GLN A 269 2.17 16.61 -9.43
C GLN A 269 2.04 17.00 -10.92
N GLN A 270 3.02 16.59 -11.71
CA GLN A 270 2.99 16.87 -13.14
C GLN A 270 1.99 15.93 -13.81
N ARG A 271 1.25 16.44 -14.79
CA ARG A 271 0.26 15.62 -15.48
C ARG A 271 0.81 14.91 -16.71
N VAL A 272 0.34 13.68 -16.93
CA VAL A 272 0.76 12.92 -18.10
C VAL A 272 -0.47 12.20 -18.67
N SER A 273 -0.55 12.14 -19.99
CA SER A 273 -1.67 11.52 -20.69
C SER A 273 -1.39 10.10 -21.17
N THR A 274 -2.44 9.21 -21.22
CA THR A 274 -2.23 7.84 -21.67
C THR A 274 -2.18 7.80 -23.19
N THR A 275 -2.43 8.97 -23.80
CA THR A 275 -2.35 9.17 -25.25
C THR A 275 -1.00 9.82 -25.43
N THR A 276 0.05 9.02 -25.57
CA THR A 276 1.41 9.53 -25.69
C THR A 276 1.61 10.75 -26.57
N GLY A 277 0.85 10.84 -27.65
CA GLY A 277 0.97 11.98 -28.57
C GLY A 277 0.69 13.33 -27.89
N GLN A 278 -0.03 13.33 -26.77
CA GLN A 278 -0.35 14.57 -26.09
C GLN A 278 0.73 14.97 -25.07
N ASN A 279 1.70 14.20 -24.90
CA ASN A 279 2.78 14.46 -23.94
C ASN A 279 3.97 15.13 -24.59
N ASN A 280 4.72 15.86 -23.77
CA ASN A 280 5.91 16.53 -24.27
C ASN A 280 6.89 15.45 -24.70
N ASN A 281 7.64 15.71 -25.75
CA ASN A 281 8.60 14.71 -26.21
C ASN A 281 9.95 14.86 -25.51
N SER A 282 10.05 14.29 -24.30
CA SER A 282 11.29 14.31 -23.53
C SER A 282 11.09 13.31 -22.41
N ASN A 283 12.19 12.79 -21.87
CA ASN A 283 12.04 11.82 -20.78
C ASN A 283 12.00 12.56 -19.45
N PHE A 284 10.81 12.90 -18.98
CA PHE A 284 10.68 13.66 -17.73
C PHE A 284 10.18 12.93 -16.49
N ALA A 285 10.08 11.61 -16.57
CA ALA A 285 9.61 10.82 -15.44
C ALA A 285 10.28 11.23 -14.13
N TRP A 286 11.59 11.41 -14.13
CA TRP A 286 12.27 11.79 -12.91
C TRP A 286 12.52 13.28 -12.79
N THR A 287 12.99 13.90 -13.87
CA THR A 287 13.26 15.32 -13.84
C THR A 287 12.05 16.18 -13.45
N ALA A 288 10.88 15.86 -13.97
CA ALA A 288 9.68 16.62 -13.63
C ALA A 288 8.89 15.97 -12.51
N GLY A 289 9.47 14.92 -11.92
CA GLY A 289 8.81 14.19 -10.85
C GLY A 289 8.67 14.98 -9.57
N THR A 290 7.57 14.74 -8.85
CA THR A 290 7.28 15.40 -7.58
C THR A 290 8.03 14.65 -6.49
N LYS A 291 8.88 15.36 -5.74
CA LYS A 291 9.70 14.70 -4.73
C LYS A 291 9.78 15.41 -3.38
N TYR A 292 10.49 14.79 -2.45
CA TYR A 292 10.75 15.39 -1.13
C TYR A 292 12.25 15.31 -0.91
N HIS A 293 12.78 16.31 -0.22
CA HIS A 293 14.21 16.43 0.04
C HIS A 293 14.55 16.04 1.47
N LEU A 294 15.27 14.94 1.65
CA LEU A 294 15.60 14.47 3.00
C LEU A 294 17.08 14.17 3.16
N ASN A 295 17.75 15.02 3.94
CA ASN A 295 19.19 14.89 4.21
C ASN A 295 20.02 14.65 2.95
N GLY A 296 19.98 15.61 2.03
CA GLY A 296 20.78 15.46 0.83
C GLY A 296 20.31 14.56 -0.30
N ARG A 297 19.36 13.68 -0.05
CA ARG A 297 18.88 12.85 -1.16
C ARG A 297 17.40 12.98 -1.38
N ASN A 298 17.00 12.94 -2.65
CA ASN A 298 15.60 13.10 -3.04
C ASN A 298 14.86 11.80 -3.30
N SER A 299 13.57 11.77 -2.96
CA SER A 299 12.74 10.60 -3.19
C SER A 299 11.45 11.07 -3.82
N LEU A 300 10.84 10.18 -4.57
CA LEU A 300 9.59 10.50 -5.20
C LEU A 300 8.52 10.49 -4.11
N ALA A 301 7.62 11.45 -4.13
CA ALA A 301 6.52 11.49 -3.19
C ALA A 301 5.53 10.56 -3.91
N ASN A 302 5.80 9.26 -3.82
CA ASN A 302 5.00 8.25 -4.51
C ASN A 302 4.26 7.31 -3.56
N PRO A 303 2.92 7.34 -3.60
CA PRO A 303 2.10 8.19 -4.46
C PRO A 303 1.81 9.56 -3.84
N GLY A 304 2.33 9.80 -2.64
CA GLY A 304 2.12 11.08 -1.99
C GLY A 304 0.73 11.24 -1.41
N ILE A 305 0.42 12.45 -0.94
CA ILE A 305 -0.88 12.69 -0.34
C ILE A 305 -2.00 12.36 -1.31
N ALA A 306 -3.19 12.12 -0.76
CA ALA A 306 -4.35 11.76 -1.55
C ALA A 306 -5.00 12.94 -2.28
N MET A 307 -5.06 12.85 -3.61
CA MET A 307 -5.67 13.86 -4.45
C MET A 307 -6.40 13.18 -5.61
N ALA A 308 -7.45 13.81 -6.11
CA ALA A 308 -8.21 13.26 -7.21
C ALA A 308 -7.28 13.07 -8.39
N THR A 309 -7.37 11.93 -9.04
CA THR A 309 -6.50 11.61 -10.17
C THR A 309 -6.65 12.52 -11.40
N HIS A 310 -7.86 13.02 -11.64
CA HIS A 310 -8.14 13.89 -12.78
C HIS A 310 -9.49 14.54 -12.56
N LYS A 311 -9.79 15.61 -13.28
CA LYS A 311 -11.10 16.25 -13.12
C LYS A 311 -12.12 15.67 -14.10
N ASP A 312 -13.28 16.29 -14.19
CA ASP A 312 -14.34 15.83 -15.09
C ASP A 312 -13.88 15.58 -16.53
N ASP A 313 -14.29 14.46 -17.10
CA ASP A 313 -14.02 14.16 -18.53
C ASP A 313 -12.55 14.00 -18.92
N GLU A 314 -11.70 13.94 -17.93
CA GLU A 314 -10.31 13.69 -18.16
C GLU A 314 -9.90 12.40 -17.46
N GLU A 315 -10.18 11.28 -18.15
CA GLU A 315 -9.78 9.95 -17.65
C GLU A 315 -8.40 9.59 -18.16
N ARG A 316 -7.95 10.26 -19.21
CA ARG A 316 -6.65 9.99 -19.81
C ARG A 316 -5.47 10.63 -19.06
N PHE A 317 -5.78 11.42 -18.04
CA PHE A 317 -4.74 12.10 -17.28
C PHE A 317 -4.48 11.49 -15.89
N PHE A 318 -3.21 11.47 -15.50
CA PHE A 318 -2.82 10.95 -14.20
C PHE A 318 -1.53 11.62 -13.72
N PRO A 319 -1.32 11.67 -12.39
CA PRO A 319 -0.10 12.29 -11.84
C PRO A 319 1.11 11.40 -12.16
N SER A 320 2.21 11.99 -12.62
CA SER A 320 3.42 11.21 -12.96
C SER A 320 3.73 10.14 -11.92
N ASN A 321 3.70 10.51 -10.65
CA ASN A 321 3.95 9.54 -9.59
C ASN A 321 2.98 9.75 -8.42
N GLY A 322 1.68 9.84 -8.77
CA GLY A 322 0.66 10.06 -7.76
C GLY A 322 -0.50 9.06 -7.71
N ILE A 323 -0.28 7.86 -8.22
CA ILE A 323 -1.29 6.80 -8.18
C ILE A 323 -0.62 5.45 -7.99
N LEU A 324 -1.38 4.44 -7.61
CA LEU A 324 -0.82 3.10 -7.44
C LEU A 324 -0.91 2.43 -8.79
N ILE A 325 0.15 1.72 -9.17
CA ILE A 325 0.15 1.03 -10.45
C ILE A 325 0.51 -0.44 -10.28
N PHE A 326 -0.41 -1.32 -10.68
CA PHE A 326 -0.18 -2.75 -10.59
C PHE A 326 0.17 -3.28 -11.96
N GLY A 327 0.92 -4.36 -12.02
CA GLY A 327 1.26 -4.92 -13.30
C GLY A 327 0.26 -6.01 -13.66
N LYS A 328 0.08 -6.27 -14.95
CA LYS A 328 -0.80 -7.34 -15.36
C LYS A 328 -0.02 -8.60 -15.21
N GLN A 329 -0.69 -9.74 -15.26
CA GLN A 329 0.02 -10.96 -15.11
C GLN A 329 1.17 -11.00 -16.11
N ASN A 330 2.36 -11.25 -15.59
CA ASN A 330 3.60 -11.46 -16.39
C ASN A 330 4.19 -10.22 -17.04
N ALA A 331 3.84 -9.03 -16.54
CA ALA A 331 4.40 -7.76 -17.07
C ALA A 331 5.87 -7.72 -16.65
N ALA A 332 6.73 -7.25 -17.55
CA ALA A 332 8.16 -7.15 -17.28
C ALA A 332 8.46 -6.35 -16.03
N ARG A 333 9.63 -6.57 -15.45
CA ARG A 333 10.01 -5.83 -14.25
C ARG A 333 10.41 -4.42 -14.63
N ASP A 334 11.11 -4.29 -15.75
CA ASP A 334 11.57 -2.99 -16.23
C ASP A 334 10.94 -2.58 -17.53
N ASN A 335 10.66 -1.29 -17.63
CA ASN A 335 10.09 -0.71 -18.83
C ASN A 335 8.91 -1.48 -19.43
N ALA A 336 8.00 -1.93 -18.57
CA ALA A 336 6.82 -2.64 -19.07
C ALA A 336 6.00 -1.60 -19.81
N ASP A 337 5.32 -2.04 -20.85
CA ASP A 337 4.51 -1.13 -21.65
C ASP A 337 3.21 -0.74 -20.96
N TYR A 338 2.66 0.40 -21.34
CA TYR A 338 1.40 0.85 -20.75
C TYR A 338 0.33 -0.23 -20.78
N SER A 339 0.27 -0.97 -21.88
CA SER A 339 -0.74 -2.02 -22.00
C SER A 339 -0.44 -3.24 -21.11
N ASP A 340 0.64 -3.18 -20.33
CA ASP A 340 1.01 -4.29 -19.46
C ASP A 340 0.82 -4.00 -17.98
N VAL A 341 0.42 -2.78 -17.66
CA VAL A 341 0.20 -2.42 -16.28
C VAL A 341 -1.25 -1.97 -16.09
N MET A 342 -1.63 -1.72 -14.84
CA MET A 342 -2.99 -1.30 -14.53
C MET A 342 -2.92 -0.09 -13.61
N LEU A 343 -3.35 1.07 -14.11
CA LEU A 343 -3.32 2.28 -13.31
C LEU A 343 -4.60 2.39 -12.52
N THR A 344 -4.50 2.85 -11.29
CA THR A 344 -5.69 3.01 -10.45
C THR A 344 -6.15 4.47 -10.53
N SER A 345 -7.37 4.73 -10.10
CA SER A 345 -7.90 6.09 -10.14
C SER A 345 -8.56 6.48 -8.83
N GLU A 346 -8.20 7.66 -8.34
CA GLU A 346 -8.76 8.19 -7.10
C GLU A 346 -9.70 9.32 -7.48
N GLU A 347 -10.39 9.11 -8.59
CA GLU A 347 -11.33 10.09 -9.11
C GLU A 347 -12.53 10.30 -8.18
N GLU A 348 -12.83 9.32 -7.35
CA GLU A 348 -13.97 9.39 -6.41
C GLU A 348 -13.85 10.48 -5.34
N ILE A 349 -12.68 11.09 -5.23
CA ILE A 349 -12.53 12.10 -4.22
C ILE A 349 -12.39 13.53 -4.73
N LYS A 350 -12.71 13.75 -6.01
CA LYS A 350 -12.66 15.09 -6.65
C LYS A 350 -13.57 15.96 -5.82
N THR A 351 -14.47 15.28 -5.15
CA THR A 351 -15.52 15.80 -4.31
C THR A 351 -15.09 16.62 -3.06
N THR A 352 -13.94 16.27 -2.47
CA THR A 352 -13.43 16.96 -1.29
C THR A 352 -11.94 17.27 -1.37
N ASN A 353 -11.21 16.52 -2.20
CA ASN A 353 -9.77 16.71 -2.35
C ASN A 353 -9.39 17.42 -3.65
N PRO A 354 -8.32 18.23 -3.62
CA PRO A 354 -7.88 18.95 -4.82
C PRO A 354 -7.47 17.96 -5.90
N VAL A 355 -7.56 18.35 -7.17
CA VAL A 355 -7.13 17.45 -8.23
C VAL A 355 -5.60 17.50 -8.23
N ALA A 356 -4.99 16.32 -8.24
CA ALA A 356 -3.53 16.17 -8.17
C ALA A 356 -2.65 16.93 -9.14
N THR A 357 -3.15 17.18 -10.34
CA THR A 357 -2.37 17.86 -11.36
C THR A 357 -2.72 19.34 -11.54
N GLU A 358 -3.41 19.93 -10.57
CA GLU A 358 -3.79 21.34 -10.65
C GLU A 358 -3.52 22.10 -9.35
N GLU A 359 -3.58 23.42 -9.40
CA GLU A 359 -3.32 24.21 -8.20
C GLU A 359 -4.37 24.05 -7.13
N TYR A 360 -4.03 24.49 -5.92
CA TYR A 360 -4.94 24.42 -4.80
C TYR A 360 -5.91 25.60 -4.90
N GLY A 361 -5.37 26.76 -5.23
CA GLY A 361 -6.19 27.94 -5.34
C GLY A 361 -5.37 29.18 -5.62
N ILE A 362 -5.97 30.35 -5.37
CA ILE A 362 -5.32 31.63 -5.62
C ILE A 362 -5.30 32.55 -4.40
N VAL A 363 -4.14 33.15 -4.14
CA VAL A 363 -3.98 34.09 -3.01
C VAL A 363 -3.49 35.43 -3.54
N ALA A 364 -3.69 36.49 -2.75
CA ALA A 364 -3.23 37.81 -3.15
C ALA A 364 -1.71 37.79 -3.14
N ASP A 365 -1.10 38.71 -3.88
CA ASP A 365 0.35 38.74 -3.97
C ASP A 365 0.98 40.10 -3.68
N ASN A 366 0.15 41.13 -3.58
CA ASN A 366 0.62 42.48 -3.33
C ASN A 366 -0.49 43.31 -2.71
N LEU A 367 -0.21 44.58 -2.44
CA LEU A 367 -1.21 45.47 -1.88
C LEU A 367 -1.68 46.46 -2.94
N GLN A 368 -2.84 46.20 -3.53
CA GLN A 368 -3.36 47.09 -4.55
C GLN A 368 -3.65 48.49 -4.03
N GLN A 369 -3.49 49.46 -4.93
CA GLN A 369 -3.78 50.87 -4.62
C GLN A 369 -4.30 51.48 -5.90
N GLN A 370 -4.55 52.77 -5.86
CA GLN A 370 -5.08 53.43 -7.03
C GLN A 370 -4.06 53.44 -8.18
N ASN A 371 -2.79 53.37 -7.83
CA ASN A 371 -1.70 53.37 -8.81
C ASN A 371 -1.08 51.98 -8.98
N THR A 372 -1.64 50.98 -8.32
CA THR A 372 -1.11 49.62 -8.42
C THR A 372 -2.24 48.61 -8.57
N ALA A 373 -2.20 47.85 -9.66
CA ALA A 373 -3.24 46.86 -9.90
C ALA A 373 -3.01 45.65 -9.00
N PRO A 374 -4.11 45.04 -8.53
CA PRO A 374 -3.99 43.86 -7.66
C PRO A 374 -3.34 42.71 -8.41
N GLN A 375 -2.48 41.97 -7.72
CA GLN A 375 -1.80 40.83 -8.31
C GLN A 375 -2.10 39.55 -7.54
N ILE A 376 -2.09 38.42 -8.22
CA ILE A 376 -2.40 37.16 -7.57
C ILE A 376 -1.34 36.10 -7.74
N GLY A 377 -1.29 35.17 -6.78
CA GLY A 377 -0.34 34.08 -6.83
C GLY A 377 -1.02 32.73 -6.85
N THR A 378 -0.45 31.79 -7.60
CA THR A 378 -1.00 30.45 -7.70
C THR A 378 -0.39 29.53 -6.66
N VAL A 379 -1.24 28.92 -5.83
CA VAL A 379 -0.80 28.02 -4.78
C VAL A 379 -0.69 26.57 -5.28
N ASN A 380 0.52 26.03 -5.38
CA ASN A 380 0.71 24.66 -5.85
C ASN A 380 1.04 23.71 -4.71
N SER A 381 1.33 24.28 -3.55
CA SER A 381 1.66 23.51 -2.37
C SER A 381 0.87 24.12 -1.21
N GLN A 382 -0.02 23.33 -0.61
CA GLN A 382 -0.82 23.85 0.49
C GLN A 382 -0.93 22.90 1.68
N GLY A 383 -0.37 23.32 2.81
CA GLY A 383 -0.42 22.49 4.00
C GLY A 383 -1.74 22.66 4.74
N ALA A 384 -1.96 21.85 5.76
CA ALA A 384 -3.19 21.89 6.55
C ALA A 384 -3.65 23.30 6.90
N LEU A 385 -4.94 23.55 6.69
CA LEU A 385 -5.56 24.84 6.95
C LEU A 385 -6.83 24.63 7.78
N PRO A 386 -7.02 25.41 8.84
CA PRO A 386 -8.24 25.24 9.65
C PRO A 386 -9.48 25.23 8.76
N GLY A 387 -10.27 24.18 8.87
CA GLY A 387 -11.47 24.10 8.06
C GLY A 387 -11.39 23.09 6.93
N MET A 388 -10.22 22.51 6.72
CA MET A 388 -10.06 21.53 5.64
C MET A 388 -10.71 20.20 6.02
N VAL A 389 -11.19 19.49 5.00
CA VAL A 389 -11.77 18.16 5.17
C VAL A 389 -11.27 17.41 3.95
N TRP A 390 -10.94 16.14 4.11
CA TRP A 390 -10.45 15.37 2.98
C TRP A 390 -10.70 13.88 3.14
N GLN A 391 -10.46 13.15 2.07
CA GLN A 391 -10.65 11.71 2.05
C GLN A 391 -9.28 11.08 1.89
N ASN A 392 -9.12 9.83 2.31
CA ASN A 392 -7.83 9.17 2.16
C ASN A 392 -7.84 8.32 0.91
N ARG A 393 -6.66 7.90 0.47
CA ARG A 393 -6.56 7.08 -0.73
C ARG A 393 -7.33 5.77 -0.52
N ASP A 394 -7.97 5.29 -1.58
CA ASP A 394 -8.74 4.05 -1.51
C ASP A 394 -7.80 2.84 -1.35
N VAL A 395 -8.34 1.67 -1.01
CA VAL A 395 -7.53 0.47 -0.91
C VAL A 395 -7.97 -0.44 -2.04
N TYR A 396 -7.15 -1.42 -2.41
CA TYR A 396 -7.49 -2.30 -3.52
C TYR A 396 -7.38 -3.78 -3.22
N LEU A 397 -8.18 -4.59 -3.91
CA LEU A 397 -8.14 -6.03 -3.71
C LEU A 397 -6.71 -6.57 -3.70
N GLN A 398 -5.84 -5.98 -4.52
CA GLN A 398 -4.45 -6.44 -4.55
C GLN A 398 -3.51 -5.39 -3.97
N GLY A 399 -4.03 -4.54 -3.09
CA GLY A 399 -3.22 -3.49 -2.48
C GLY A 399 -2.80 -3.84 -1.07
N PRO A 400 -1.98 -3.00 -0.44
CA PRO A 400 -1.52 -3.26 0.92
C PRO A 400 -2.66 -3.06 1.92
N ILE A 401 -2.53 -3.62 3.12
CA ILE A 401 -3.56 -3.50 4.16
C ILE A 401 -3.17 -2.55 5.30
N TRP A 402 -1.99 -2.72 5.86
CA TRP A 402 -1.56 -1.86 6.96
C TRP A 402 -0.10 -1.46 6.81
N ALA A 403 0.35 -0.65 7.75
CA ALA A 403 1.72 -0.18 7.78
C ALA A 403 1.98 0.31 9.19
N LYS A 404 3.21 0.14 9.67
CA LYS A 404 3.56 0.59 11.02
C LYS A 404 3.79 2.09 11.01
N ILE A 405 3.19 2.78 11.97
CA ILE A 405 3.36 4.22 12.08
C ILE A 405 4.72 4.46 12.69
N PRO A 406 5.56 5.27 12.03
CA PRO A 406 6.89 5.55 12.55
C PRO A 406 6.86 6.05 13.99
N HIS A 407 7.76 5.53 14.80
CA HIS A 407 7.84 5.95 16.20
C HIS A 407 8.55 7.31 16.23
N THR A 408 7.77 8.38 16.21
CA THR A 408 8.32 9.72 16.22
C THR A 408 7.57 10.59 17.21
N ASP A 409 8.16 11.73 17.55
CA ASP A 409 7.55 12.66 18.48
C ASP A 409 6.21 13.17 18.00
N GLY A 410 6.05 13.26 16.68
CA GLY A 410 4.80 13.74 16.15
C GLY A 410 4.52 13.26 14.76
N ASN A 411 3.28 13.46 14.32
CA ASN A 411 2.84 13.10 12.98
C ASN A 411 1.49 13.72 12.70
N PHE A 412 1.12 13.77 11.43
CA PHE A 412 -0.14 14.35 11.04
C PHE A 412 -0.93 13.36 10.23
N HIS A 413 -2.22 12.95 10.71
CA HIS A 413 -3.10 12.04 9.89
C HIS A 413 -2.39 10.78 9.39
N PRO A 414 -2.10 10.03 10.40
CA PRO A 414 -1.26 8.80 10.29
C PRO A 414 -1.60 7.73 9.24
N SER A 415 -2.57 8.03 8.37
CA SER A 415 -2.99 7.11 7.31
C SER A 415 -1.90 6.83 6.30
N PRO A 416 -1.43 5.57 6.16
CA PRO A 416 -0.37 5.21 5.20
C PRO A 416 -0.70 5.77 3.83
N LEU A 417 0.25 6.49 3.23
CA LEU A 417 0.00 7.10 1.93
C LEU A 417 -0.27 6.13 0.79
N MET A 418 0.25 4.91 0.87
CA MET A 418 -0.01 3.93 -0.18
C MET A 418 -1.42 3.39 -0.02
N GLY A 419 -2.11 3.60 1.05
CA GLY A 419 -3.45 3.14 1.34
C GLY A 419 -3.44 2.16 2.48
N GLY A 420 -4.53 2.10 3.24
CA GLY A 420 -4.62 1.18 4.36
C GLY A 420 -4.76 1.75 5.76
N PHE A 421 -4.51 0.90 6.75
CA PHE A 421 -4.61 1.28 8.14
C PHE A 421 -3.25 1.51 8.79
N GLY A 422 -3.09 2.68 9.40
CA GLY A 422 -1.85 2.97 10.09
C GLY A 422 -1.99 2.45 11.50
N LEU A 423 -1.03 1.66 11.95
CA LEU A 423 -1.07 1.08 13.29
C LEU A 423 0.24 1.32 14.03
N LYS A 424 0.15 1.70 15.31
CA LYS A 424 1.35 1.92 16.12
C LYS A 424 1.98 0.57 16.46
N HIS A 425 1.14 -0.44 16.64
CA HIS A 425 1.58 -1.80 16.97
C HIS A 425 0.88 -2.71 15.98
N PRO A 426 1.43 -2.85 14.79
CA PRO A 426 0.84 -3.69 13.74
C PRO A 426 1.17 -5.16 13.89
N PRO A 427 0.59 -6.01 13.02
CA PRO A 427 0.87 -7.44 13.11
C PRO A 427 2.39 -7.59 13.14
N PRO A 428 2.91 -8.31 14.14
CA PRO A 428 4.37 -8.51 14.27
C PRO A 428 5.00 -9.23 13.10
N GLN A 429 6.29 -9.04 12.91
CA GLN A 429 6.98 -9.72 11.83
C GLN A 429 7.18 -11.17 12.25
N ILE A 430 6.93 -12.10 11.33
CA ILE A 430 7.09 -13.51 11.61
C ILE A 430 8.32 -14.00 10.87
N LEU A 431 9.41 -14.25 11.60
CA LEU A 431 10.66 -14.70 11.01
C LEU A 431 10.87 -16.20 11.07
N ILE A 432 11.31 -16.77 9.97
CA ILE A 432 11.53 -18.21 9.87
C ILE A 432 12.87 -18.52 9.22
N LYS A 433 13.52 -19.59 9.66
CA LYS A 433 14.82 -19.97 9.13
C LYS A 433 15.05 -21.46 9.28
N ASN A 434 15.86 -22.03 8.40
CA ASN A 434 16.18 -23.45 8.49
C ASN A 434 17.42 -23.57 9.34
N THR A 435 17.36 -24.37 10.40
CA THR A 435 18.53 -24.53 11.26
C THR A 435 19.67 -25.17 10.47
N PRO A 436 20.88 -24.64 10.62
CA PRO A 436 22.08 -25.12 9.94
C PRO A 436 22.42 -26.55 10.35
N VAL A 437 22.69 -27.43 9.41
CA VAL A 437 23.07 -28.80 9.75
C VAL A 437 24.46 -29.07 9.19
N PRO A 438 25.47 -29.08 10.06
CA PRO A 438 26.84 -29.33 9.64
C PRO A 438 27.06 -30.65 8.92
N ALA A 439 27.94 -30.63 7.93
CA ALA A 439 28.31 -31.85 7.23
C ALA A 439 29.43 -32.35 8.14
N ASP A 440 29.94 -33.56 7.91
CA ASP A 440 30.99 -34.08 8.79
C ASP A 440 32.17 -33.13 9.00
N PRO A 441 32.45 -32.79 10.26
CA PRO A 441 33.56 -31.89 10.59
C PRO A 441 34.90 -32.59 10.50
N PRO A 442 35.99 -31.81 10.59
CA PRO A 442 37.32 -32.43 10.53
C PRO A 442 37.52 -33.32 11.74
N THR A 443 38.49 -34.22 11.64
CA THR A 443 38.79 -35.18 12.70
C THR A 443 39.69 -34.71 13.84
N THR A 444 40.32 -33.54 13.66
CA THR A 444 41.16 -32.99 14.70
C THR A 444 40.71 -31.53 14.82
N PHE A 445 40.52 -31.08 16.05
CA PHE A 445 40.02 -29.75 16.33
C PHE A 445 40.60 -28.60 15.53
N ASN A 446 39.73 -27.64 15.24
CA ASN A 446 40.10 -26.44 14.53
C ASN A 446 39.15 -25.31 14.93
N GLN A 447 39.75 -24.23 15.40
CA GLN A 447 39.06 -23.03 15.87
C GLN A 447 38.04 -22.42 14.91
N SER A 448 38.35 -22.43 13.62
CA SER A 448 37.47 -21.85 12.60
C SER A 448 36.03 -22.31 12.69
N LYS A 449 35.09 -21.42 12.34
CA LYS A 449 33.68 -21.78 12.37
C LYS A 449 33.40 -22.70 11.20
N LEU A 450 32.51 -23.67 11.39
CA LEU A 450 32.20 -24.58 10.30
C LEU A 450 31.60 -23.78 9.11
N ASN A 451 31.86 -24.22 7.88
CA ASN A 451 31.37 -23.56 6.68
C ASN A 451 30.93 -24.60 5.64
N SER A 452 30.82 -25.85 6.09
CA SER A 452 30.39 -27.01 5.30
C SER A 452 29.10 -27.57 5.84
N PHE A 453 27.97 -27.27 5.20
CA PHE A 453 26.69 -27.75 5.70
C PHE A 453 25.93 -28.62 4.74
N ILE A 454 25.08 -29.48 5.29
CA ILE A 454 24.25 -30.34 4.48
C ILE A 454 23.28 -29.41 3.75
N THR A 455 23.04 -29.70 2.48
CA THR A 455 22.14 -28.89 1.68
C THR A 455 20.71 -29.20 2.01
N GLN A 456 19.91 -28.18 2.32
CA GLN A 456 18.51 -28.45 2.59
C GLN A 456 17.56 -27.28 2.59
N TYR A 457 16.28 -27.60 2.38
CA TYR A 457 15.20 -26.62 2.33
C TYR A 457 14.00 -27.23 3.05
N SER A 458 13.02 -26.40 3.38
CA SER A 458 11.83 -26.88 4.07
C SER A 458 10.56 -26.45 3.35
N THR A 459 9.46 -27.05 3.72
CA THR A 459 8.18 -26.75 3.10
C THR A 459 7.08 -27.15 4.09
N GLY A 460 5.94 -26.48 4.02
CA GLY A 460 4.84 -26.79 4.90
C GLY A 460 3.67 -25.88 4.55
N GLN A 461 2.63 -25.86 5.37
CA GLN A 461 1.50 -24.98 5.07
C GLN A 461 1.44 -23.87 6.10
N VAL A 462 0.73 -22.80 5.76
CA VAL A 462 0.57 -21.66 6.64
C VAL A 462 -0.87 -21.20 6.56
N SER A 463 -1.44 -20.82 7.70
CA SER A 463 -2.83 -20.36 7.76
C SER A 463 -2.93 -19.01 8.41
N VAL A 464 -3.81 -18.15 7.88
CA VAL A 464 -4.01 -16.84 8.47
C VAL A 464 -5.49 -16.58 8.51
N GLU A 465 -6.00 -16.26 9.69
CA GLU A 465 -7.42 -15.99 9.85
C GLU A 465 -7.59 -14.57 10.37
N ILE A 466 -8.42 -13.79 9.69
CA ILE A 466 -8.65 -12.43 10.11
C ILE A 466 -10.13 -12.10 10.22
N GLU A 467 -10.49 -11.46 11.32
CA GLU A 467 -11.86 -11.07 11.56
C GLU A 467 -12.00 -9.62 11.21
N TRP A 468 -12.94 -9.31 10.34
CA TRP A 468 -13.16 -7.94 9.92
C TRP A 468 -14.51 -7.43 10.40
N GLU A 469 -14.54 -6.18 10.86
CA GLU A 469 -15.78 -5.60 11.32
C GLU A 469 -16.35 -4.74 10.19
N LEU A 470 -17.62 -4.94 9.91
CA LEU A 470 -18.28 -4.20 8.85
C LEU A 470 -19.09 -3.03 9.39
N GLN A 471 -19.27 -2.03 8.55
CA GLN A 471 -20.07 -0.87 8.89
C GLN A 471 -21.14 -0.85 7.82
N LYS A 472 -22.33 -1.35 8.15
CA LYS A 472 -23.41 -1.41 7.18
C LYS A 472 -23.83 -0.04 6.62
N GLU A 473 -24.38 -0.03 5.37
CA GLU A 473 -24.88 1.14 4.67
C GLU A 473 -26.28 1.50 5.19
N ASN A 474 -26.53 2.79 5.32
CA ASN A 474 -27.80 3.28 5.86
C ASN A 474 -28.45 4.38 4.99
N SER A 475 -28.24 4.30 3.68
CA SER A 475 -28.74 5.31 2.73
C SER A 475 -30.24 5.37 2.44
N LYS A 476 -30.79 6.64 2.20
CA LYS A 476 -32.20 6.87 1.87
C LYS A 476 -32.27 7.27 0.41
N ARG A 477 -31.19 7.03 -0.32
CA ARG A 477 -31.09 7.31 -1.74
C ARG A 477 -32.17 6.49 -2.43
N TRP A 478 -32.96 7.12 -3.28
CA TRP A 478 -34.04 6.41 -3.95
C TRP A 478 -33.62 5.59 -5.17
N ASN A 479 -32.73 6.13 -5.98
CA ASN A 479 -32.27 5.46 -7.19
C ASN A 479 -31.13 4.47 -6.93
N PRO A 480 -31.01 3.44 -7.77
CA PRO A 480 -29.96 2.42 -7.63
C PRO A 480 -28.58 3.02 -7.49
N GLU A 481 -27.65 2.24 -6.94
CA GLU A 481 -26.29 2.69 -6.76
C GLU A 481 -25.38 2.03 -7.78
N ILE A 482 -24.15 2.54 -7.88
CA ILE A 482 -23.19 1.96 -8.80
C ILE A 482 -22.63 0.73 -8.09
N GLN A 483 -22.45 -0.37 -8.81
CA GLN A 483 -21.95 -1.60 -8.20
C GLN A 483 -20.87 -2.24 -9.06
N TYR A 484 -19.99 -3.01 -8.44
CA TYR A 484 -18.95 -3.70 -9.21
C TYR A 484 -19.64 -4.93 -9.76
N THR A 485 -19.52 -5.14 -11.07
CA THR A 485 -20.15 -6.29 -11.70
C THR A 485 -19.23 -7.00 -12.68
N SER A 486 -19.49 -8.29 -12.90
CA SER A 486 -18.73 -9.10 -13.84
C SER A 486 -19.25 -8.70 -15.22
N ASN A 487 -18.45 -8.88 -16.27
CA ASN A 487 -18.92 -8.53 -17.61
C ASN A 487 -20.07 -9.43 -17.99
N TYR A 488 -20.94 -8.94 -18.86
CA TYR A 488 -22.09 -9.74 -19.24
C TYR A 488 -21.92 -10.62 -20.48
N TYR A 489 -21.29 -10.09 -21.52
CA TYR A 489 -21.15 -10.88 -22.74
C TYR A 489 -20.00 -11.86 -22.79
N LYS A 490 -20.04 -12.73 -23.78
CA LYS A 490 -19.03 -13.77 -23.93
C LYS A 490 -17.59 -13.29 -23.96
N SER A 491 -16.68 -14.19 -23.59
CA SER A 491 -15.27 -13.89 -23.52
C SER A 491 -14.43 -15.16 -23.59
N THR A 492 -13.20 -15.01 -24.08
CA THR A 492 -12.24 -16.10 -24.23
C THR A 492 -12.05 -16.90 -22.94
N SER A 493 -11.99 -16.20 -21.82
CA SER A 493 -11.79 -16.83 -20.52
C SER A 493 -12.57 -16.10 -19.44
N VAL A 494 -12.54 -16.62 -18.23
CA VAL A 494 -13.24 -16.00 -17.11
C VAL A 494 -12.30 -15.06 -16.38
N ASP A 495 -12.80 -13.89 -16.00
CA ASP A 495 -12.02 -12.89 -15.28
C ASP A 495 -11.78 -13.38 -13.85
N PHE A 496 -10.53 -13.34 -13.40
CA PHE A 496 -10.18 -13.80 -12.06
C PHE A 496 -10.35 -15.31 -11.98
N ALA A 497 -9.76 -16.01 -12.89
CA ALA A 497 -9.82 -17.46 -12.96
C ALA A 497 -8.50 -17.90 -13.60
N VAL A 498 -8.38 -19.18 -13.92
CA VAL A 498 -7.15 -19.65 -14.53
C VAL A 498 -7.18 -19.78 -16.05
N ASN A 499 -5.97 -19.93 -16.57
CA ASN A 499 -5.63 -20.11 -17.99
C ASN A 499 -5.95 -21.51 -18.45
N THR A 500 -5.47 -21.79 -19.66
CA THR A 500 -5.59 -23.11 -20.23
C THR A 500 -4.23 -23.68 -19.79
N GLU A 501 -3.39 -22.78 -19.29
CA GLU A 501 -2.05 -23.10 -18.80
C GLU A 501 -2.03 -23.25 -17.29
N GLY A 502 -3.13 -22.89 -16.65
CA GLY A 502 -3.20 -23.01 -15.20
C GLY A 502 -2.69 -21.78 -14.47
N VAL A 503 -2.55 -20.66 -15.18
CA VAL A 503 -2.07 -19.44 -14.56
C VAL A 503 -3.23 -18.55 -14.12
N TYR A 504 -3.25 -18.23 -12.83
CA TYR A 504 -4.29 -17.36 -12.30
C TYR A 504 -3.87 -15.93 -12.61
N SER A 505 -4.90 -15.03 -12.89
CA SER A 505 -4.58 -13.64 -13.23
C SER A 505 -5.67 -12.70 -12.76
N GLU A 506 -5.27 -11.53 -12.30
CA GLU A 506 -6.21 -10.52 -11.85
C GLU A 506 -6.30 -9.57 -12.91
N PRO A 507 -7.38 -9.50 -13.66
CA PRO A 507 -7.58 -8.63 -14.81
C PRO A 507 -7.60 -7.16 -14.59
N ARG A 508 -8.05 -6.70 -13.51
CA ARG A 508 -8.08 -5.28 -13.20
C ARG A 508 -7.95 -5.02 -11.72
N PRO A 509 -7.71 -3.76 -11.34
CA PRO A 509 -7.58 -3.46 -9.91
C PRO A 509 -9.02 -3.24 -9.49
N ILE A 510 -9.40 -3.66 -8.29
CA ILE A 510 -10.76 -3.42 -7.84
C ILE A 510 -10.74 -2.52 -6.62
N GLY A 511 -11.37 -1.37 -6.75
CA GLY A 511 -11.42 -0.42 -5.67
C GLY A 511 -12.37 -0.82 -4.57
N THR A 512 -12.86 0.18 -3.86
CA THR A 512 -13.73 -0.06 -2.73
C THR A 512 -14.93 0.89 -2.68
N ARG A 513 -14.84 1.99 -3.41
CA ARG A 513 -15.88 3.00 -3.36
C ARG A 513 -17.02 2.97 -4.36
N TYR A 514 -18.05 2.18 -4.05
CA TYR A 514 -19.20 2.07 -4.92
C TYR A 514 -20.47 2.66 -4.33
N LEU A 515 -20.77 2.33 -3.07
CA LEU A 515 -21.95 2.90 -2.46
C LEU A 515 -21.67 4.37 -2.24
N THR A 516 -22.71 5.19 -2.17
CA THR A 516 -22.51 6.63 -1.95
C THR A 516 -23.08 7.09 -0.63
N ARG A 517 -22.62 8.25 -0.21
CA ARG A 517 -23.03 8.82 1.06
C ARG A 517 -22.93 10.34 1.00
N ASN A 518 -23.87 11.03 1.63
CA ASN A 518 -23.86 12.49 1.65
C ASN A 518 -22.64 13.01 2.38
N LEU A 519 -22.47 14.32 2.36
CA LEU A 519 -21.36 14.93 3.07
C LEU A 519 -21.84 15.36 4.48
#